data_6HOI
#
_entry.id   6HOI
#
_cell.length_a   31.990
_cell.length_b   54.000
_cell.length_c   138.980
_cell.angle_alpha   90.00
_cell.angle_beta   90.00
_cell.angle_gamma   90.00
#
_symmetry.space_group_name_H-M   'P 21 21 21'
#
loop_
_entity.id
_entity.type
_entity.pdbx_description
1 polymer 'Gamma-aminobutyric acid receptor-associated protein-like 1'
2 polymer Beclin-1
3 non-polymer 1,2-ETHANEDIOL
4 non-polymer 'ACETATE ION'
5 water water
#
loop_
_entity_poly.entity_id
_entity_poly.type
_entity_poly.pdbx_seq_one_letter_code
_entity_poly.pdbx_strand_id
1 'polypeptide(L)'
;GPTMGSMKFQYKEDHPFEYRKKEGEKIRKKYPDRVPVIVEKAPKARVPDLDKRKYLVPSDLTVGQFYFLIRKRIHLRPED
ALFFFVNNTIPPTSATMGQLYEDNHEEDYFLYVAYSDESVYGK
;
A,B
2 'polypeptide(L)' SANSFTLIGE F,G
#
loop_
_chem_comp.id
_chem_comp.type
_chem_comp.name
_chem_comp.formula
ACT non-polymer 'ACETATE ION' 'C2 H3 O2 -1'
EDO non-polymer 1,2-ETHANEDIOL 'C2 H6 O2'
#
# COMPACT_ATOMS: atom_id res chain seq x y z
N SER A 6 -4.50 -0.26 -23.18
CA SER A 6 -3.11 0.00 -22.78
C SER A 6 -3.04 0.67 -21.41
N MET A 7 -3.90 0.28 -20.49
CA MET A 7 -3.88 0.81 -19.12
CA MET A 7 -3.79 0.86 -19.17
C MET A 7 -2.76 0.11 -18.35
N LYS A 8 -2.05 0.87 -17.53
CA LYS A 8 -0.96 0.30 -16.76
C LYS A 8 -1.23 0.62 -15.29
N PHE A 9 -1.69 -0.39 -14.55
CA PHE A 9 -1.95 -0.23 -13.13
C PHE A 9 -0.80 -0.81 -12.33
N GLN A 10 -0.11 0.04 -11.58
CA GLN A 10 1.06 -0.41 -10.84
C GLN A 10 0.69 -1.41 -9.75
N TYR A 11 -0.54 -1.37 -9.25
CA TYR A 11 -0.97 -2.31 -8.21
C TYR A 11 -0.70 -3.74 -8.62
N LYS A 12 -0.83 -4.03 -9.92
CA LYS A 12 -0.66 -5.40 -10.37
C LYS A 12 0.76 -5.88 -10.19
N GLU A 13 1.72 -4.98 -10.00
CA GLU A 13 3.10 -5.35 -9.75
C GLU A 13 3.42 -5.59 -8.28
N ASP A 14 2.59 -5.11 -7.37
CA ASP A 14 2.85 -5.27 -5.94
C ASP A 14 2.31 -6.57 -5.37
N HIS A 15 1.32 -7.16 -6.01
CA HIS A 15 0.78 -8.39 -5.48
C HIS A 15 0.70 -9.38 -6.64
N PRO A 16 1.13 -10.61 -6.43
CA PRO A 16 1.01 -11.64 -7.46
C PRO A 16 -0.46 -11.83 -7.84
N PHE A 17 -0.68 -12.17 -9.11
CA PHE A 17 -2.02 -12.44 -9.60
C PHE A 17 -2.81 -13.40 -8.72
N GLU A 18 -2.20 -14.52 -8.32
CA GLU A 18 -2.94 -15.51 -7.53
C GLU A 18 -3.42 -14.91 -6.22
N TYR A 19 -2.60 -14.07 -5.61
CA TYR A 19 -2.96 -13.38 -4.37
C TYR A 19 -4.13 -12.43 -4.62
N ARG A 20 -4.04 -11.62 -5.68
CA ARG A 20 -5.11 -10.68 -6.00
CA ARG A 20 -5.11 -10.68 -5.98
C ARG A 20 -6.42 -11.41 -6.26
N LYS A 21 -6.36 -12.49 -7.07
CA LYS A 21 -7.59 -13.19 -7.43
C LYS A 21 -8.24 -13.80 -6.19
N LYS A 22 -7.43 -14.41 -5.32
CA LYS A 22 -8.00 -14.97 -4.09
C LYS A 22 -8.66 -13.89 -3.27
N GLU A 23 -8.01 -12.74 -3.14
CA GLU A 23 -8.59 -11.66 -2.35
C GLU A 23 -9.86 -11.12 -2.99
N GLY A 24 -9.87 -10.94 -4.32
CA GLY A 24 -11.04 -10.41 -4.99
C GLY A 24 -12.22 -11.36 -4.88
N GLU A 25 -11.98 -12.66 -5.09
CA GLU A 25 -13.07 -13.61 -4.94
C GLU A 25 -13.57 -13.65 -3.51
N LYS A 26 -12.65 -13.65 -2.55
CA LYS A 26 -13.07 -13.75 -1.15
C LYS A 26 -13.85 -12.52 -0.72
N ILE A 27 -13.43 -11.32 -1.12
CA ILE A 27 -14.13 -10.13 -0.65
C ILE A 27 -15.51 -10.02 -1.31
N ARG A 28 -15.64 -10.50 -2.54
CA ARG A 28 -16.95 -10.53 -3.18
C ARG A 28 -17.89 -11.52 -2.50
N LYS A 29 -17.36 -12.66 -2.07
CA LYS A 29 -18.20 -13.60 -1.34
C LYS A 29 -18.58 -13.09 0.04
N LYS A 30 -17.66 -12.39 0.71
CA LYS A 30 -17.96 -11.90 2.06
C LYS A 30 -18.92 -10.71 2.03
N TYR A 31 -18.82 -9.85 1.01
CA TYR A 31 -19.61 -8.62 0.91
C TYR A 31 -20.20 -8.53 -0.49
N PRO A 32 -21.24 -9.33 -0.79
CA PRO A 32 -21.78 -9.39 -2.16
CA PRO A 32 -21.70 -9.36 -2.19
C PRO A 32 -22.45 -8.11 -2.60
N ASP A 33 -22.76 -7.22 -1.66
CA ASP A 33 -23.32 -5.90 -1.94
C ASP A 33 -22.23 -4.84 -2.14
N ARG A 34 -20.98 -5.25 -2.24
CA ARG A 34 -19.87 -4.34 -2.48
C ARG A 34 -19.05 -4.84 -3.66
N VAL A 35 -18.29 -3.93 -4.26
CA VAL A 35 -17.30 -4.30 -5.27
C VAL A 35 -15.94 -3.76 -4.88
N PRO A 36 -14.89 -4.54 -5.10
CA PRO A 36 -13.52 -4.06 -4.84
C PRO A 36 -12.94 -3.31 -6.03
N VAL A 37 -12.35 -2.16 -5.74
CA VAL A 37 -11.92 -1.22 -6.76
C VAL A 37 -10.53 -0.71 -6.40
N ILE A 38 -9.62 -0.77 -7.36
CA ILE A 38 -8.30 -0.16 -7.25
C ILE A 38 -8.37 1.18 -7.97
N VAL A 39 -8.01 2.26 -7.29
CA VAL A 39 -8.10 3.60 -7.86
C VAL A 39 -6.71 4.19 -7.84
N GLU A 40 -6.15 4.46 -9.01
CA GLU A 40 -4.75 4.84 -9.15
C GLU A 40 -4.61 6.01 -10.11
N LYS A 41 -3.64 6.86 -9.84
CA LYS A 41 -3.35 7.97 -10.70
CA LYS A 41 -3.41 7.97 -10.73
C LYS A 41 -2.86 7.47 -12.06
N ALA A 42 -3.32 8.08 -13.13
CA ALA A 42 -2.87 7.68 -14.44
C ALA A 42 -1.44 8.12 -14.65
N PRO A 43 -0.69 7.38 -15.47
CA PRO A 43 0.60 7.89 -15.94
C PRO A 43 0.46 9.32 -16.42
N LYS A 44 1.45 10.12 -16.04
CA LYS A 44 1.61 11.52 -16.40
C LYS A 44 0.64 12.48 -15.71
N ALA A 45 -0.31 11.99 -14.93
CA ALA A 45 -1.30 12.89 -14.38
C ALA A 45 -0.63 13.87 -13.44
N ARG A 46 -1.08 15.12 -13.49
CA ARG A 46 -0.54 16.19 -12.65
C ARG A 46 -1.53 16.45 -11.51
N VAL A 47 -1.74 15.39 -10.76
CA VAL A 47 -2.63 15.38 -9.59
C VAL A 47 -1.91 14.59 -8.53
N PRO A 48 -2.24 14.80 -7.27
CA PRO A 48 -1.66 13.97 -6.22
C PRO A 48 -2.25 12.57 -6.25
N ASP A 49 -1.51 11.65 -5.64
CA ASP A 49 -2.09 10.37 -5.32
C ASP A 49 -3.10 10.50 -4.18
N LEU A 50 -4.11 9.64 -4.22
CA LEU A 50 -4.98 9.51 -3.08
C LEU A 50 -4.21 8.92 -1.91
N ASP A 51 -4.78 9.10 -0.72
CA ASP A 51 -4.22 8.47 0.48
C ASP A 51 -4.34 6.95 0.46
N LYS A 52 -5.32 6.43 -0.25
CA LYS A 52 -5.59 5.00 -0.27
C LYS A 52 -5.88 4.61 -1.70
N ARG A 53 -5.60 3.35 -2.05
CA ARG A 53 -5.78 2.83 -3.40
C ARG A 53 -6.85 1.75 -3.49
N LYS A 54 -7.04 0.95 -2.43
CA LYS A 54 -7.88 -0.23 -2.49
C LYS A 54 -9.18 0.04 -1.76
N TYR A 55 -10.27 0.13 -2.52
CA TYR A 55 -11.56 0.54 -2.01
C TYR A 55 -12.58 -0.58 -2.09
N LEU A 56 -13.57 -0.50 -1.22
CA LEU A 56 -14.75 -1.35 -1.27
C LEU A 56 -15.97 -0.44 -1.34
N VAL A 57 -16.80 -0.66 -2.36
CA VAL A 57 -17.80 0.32 -2.79
C VAL A 57 -19.17 -0.33 -2.88
N PRO A 58 -20.25 0.28 -2.39
CA PRO A 58 -21.59 -0.31 -2.61
C PRO A 58 -21.87 -0.46 -4.11
N SER A 59 -22.45 -1.62 -4.46
CA SER A 59 -22.70 -1.92 -5.86
CA SER A 59 -22.68 -1.92 -5.87
C SER A 59 -23.71 -0.98 -6.50
N ASP A 60 -24.63 -0.42 -5.71
CA ASP A 60 -25.62 0.48 -6.28
C ASP A 60 -25.15 1.94 -6.34
N LEU A 61 -23.97 2.25 -5.86
CA LEU A 61 -23.46 3.62 -5.97
C LEU A 61 -23.22 3.93 -7.45
N THR A 62 -23.61 5.12 -7.90
CA THR A 62 -23.31 5.44 -9.28
C THR A 62 -21.89 5.94 -9.44
N VAL A 63 -21.42 5.92 -10.69
CA VAL A 63 -20.14 6.51 -11.01
C VAL A 63 -20.08 7.97 -10.60
N GLY A 64 -21.17 8.72 -10.82
CA GLY A 64 -21.16 10.11 -10.40
C GLY A 64 -20.99 10.27 -8.90
N GLN A 65 -21.65 9.40 -8.11
CA GLN A 65 -21.47 9.45 -6.65
C GLN A 65 -20.06 9.04 -6.25
N PHE A 66 -19.50 8.01 -6.90
CA PHE A 66 -18.14 7.58 -6.61
C PHE A 66 -17.15 8.71 -6.95
N TYR A 67 -17.35 9.37 -8.09
CA TYR A 67 -16.54 10.51 -8.45
C TYR A 67 -16.63 11.59 -7.40
N PHE A 68 -17.84 11.91 -6.94
CA PHE A 68 -17.98 12.93 -5.91
C PHE A 68 -17.07 12.62 -4.73
N LEU A 69 -17.09 11.37 -4.27
CA LEU A 69 -16.38 11.02 -3.03
C LEU A 69 -14.87 10.96 -3.25
N ILE A 70 -14.43 10.48 -4.42
CA ILE A 70 -13.00 10.50 -4.71
C ILE A 70 -12.51 11.94 -4.93
N ARG A 71 -13.29 12.75 -5.67
CA ARG A 71 -12.95 14.16 -5.94
C ARG A 71 -12.93 14.97 -4.65
N LYS A 72 -13.69 14.55 -3.64
CA LYS A 72 -13.71 15.21 -2.36
C LYS A 72 -12.45 14.88 -1.60
N ARG A 73 -11.98 13.63 -1.68
CA ARG A 73 -10.87 13.26 -0.82
CA ARG A 73 -10.86 13.12 -0.88
C ARG A 73 -9.50 13.55 -1.40
N ILE A 74 -9.35 13.69 -2.71
CA ILE A 74 -8.05 14.00 -3.27
C ILE A 74 -7.64 15.41 -2.88
N HIS A 75 -6.34 15.64 -2.79
CA HIS A 75 -5.84 16.97 -2.43
C HIS A 75 -5.70 17.84 -3.67
N LEU A 76 -6.85 18.30 -4.18
CA LEU A 76 -6.90 19.26 -5.27
C LEU A 76 -7.57 20.55 -4.82
N ARG A 77 -7.28 21.62 -5.53
CA ARG A 77 -7.99 22.88 -5.31
C ARG A 77 -9.35 22.82 -5.98
N PRO A 78 -10.28 23.68 -5.58
CA PRO A 78 -11.61 23.62 -6.21
C PRO A 78 -11.60 23.73 -7.73
N GLU A 79 -10.67 24.50 -8.30
CA GLU A 79 -10.64 24.72 -9.74
C GLU A 79 -10.06 23.56 -10.51
N ASP A 80 -9.42 22.62 -9.85
CA ASP A 80 -8.68 21.60 -10.58
C ASP A 80 -9.60 20.56 -11.21
N ALA A 81 -9.21 20.07 -12.37
CA ALA A 81 -10.01 19.08 -13.11
C ALA A 81 -9.63 17.66 -12.71
N LEU A 82 -10.61 16.75 -12.81
CA LEU A 82 -10.35 15.33 -12.56
C LEU A 82 -11.27 14.52 -13.45
N PHE A 83 -10.72 13.48 -14.07
CA PHE A 83 -11.45 12.55 -14.94
C PHE A 83 -11.11 11.13 -14.54
N PHE A 84 -12.09 10.24 -14.64
CA PHE A 84 -11.88 8.80 -14.45
C PHE A 84 -11.75 8.09 -15.78
N PHE A 85 -11.04 6.95 -15.75
CA PHE A 85 -10.91 6.08 -16.91
C PHE A 85 -11.00 4.64 -16.48
N VAL A 86 -11.78 3.85 -17.23
CA VAL A 86 -11.83 2.40 -17.08
C VAL A 86 -11.66 1.85 -18.49
N ASN A 87 -10.68 0.98 -18.69
CA ASN A 87 -10.42 0.48 -20.03
C ASN A 87 -10.37 1.61 -21.06
N ASN A 88 -9.56 2.61 -20.73
CA ASN A 88 -9.20 3.73 -21.59
C ASN A 88 -10.34 4.70 -21.83
N THR A 89 -11.47 4.54 -21.16
CA THR A 89 -12.70 5.23 -21.48
C THR A 89 -13.28 5.90 -20.24
N ILE A 90 -13.74 7.14 -20.39
CA ILE A 90 -14.42 7.79 -19.27
C ILE A 90 -15.73 7.07 -19.01
N PRO A 91 -16.00 6.58 -17.80
CA PRO A 91 -17.24 5.85 -17.56
C PRO A 91 -18.46 6.75 -17.50
N PRO A 92 -19.64 6.23 -17.83
CA PRO A 92 -20.87 7.02 -17.74
C PRO A 92 -21.25 7.37 -16.31
N THR A 93 -21.66 8.62 -16.10
CA THR A 93 -22.00 9.12 -14.76
C THR A 93 -23.13 8.32 -14.14
N SER A 94 -24.09 7.89 -14.96
CA SER A 94 -25.26 7.22 -14.44
C SER A 94 -25.07 5.70 -14.27
N ALA A 95 -23.96 5.13 -14.70
CA ALA A 95 -23.78 3.70 -14.48
C ALA A 95 -23.59 3.43 -12.99
N THR A 96 -24.05 2.26 -12.54
CA THR A 96 -23.72 1.83 -11.19
C THR A 96 -22.31 1.25 -11.16
N MET A 97 -21.69 1.32 -9.98
CA MET A 97 -20.41 0.69 -9.79
C MET A 97 -20.49 -0.83 -9.94
N GLY A 98 -21.63 -1.40 -9.57
CA GLY A 98 -21.82 -2.82 -9.82
C GLY A 98 -21.76 -3.16 -11.30
N GLN A 99 -22.50 -2.38 -12.12
CA GLN A 99 -22.45 -2.63 -13.57
C GLN A 99 -21.05 -2.42 -14.09
N LEU A 100 -20.40 -1.31 -13.70
CA LEU A 100 -19.08 -1.03 -14.20
C LEU A 100 -18.12 -2.15 -13.82
N TYR A 101 -18.24 -2.65 -12.59
CA TYR A 101 -17.42 -3.78 -12.13
C TYR A 101 -17.68 -5.03 -12.96
N GLU A 102 -18.95 -5.42 -13.12
CA GLU A 102 -19.21 -6.66 -13.85
C GLU A 102 -18.73 -6.54 -15.29
N ASP A 103 -18.87 -5.35 -15.89
CA ASP A 103 -18.51 -5.18 -17.28
C ASP A 103 -17.00 -5.15 -17.48
N ASN A 104 -16.23 -4.73 -16.46
CA ASN A 104 -14.84 -4.39 -16.66
C ASN A 104 -13.84 -5.02 -15.70
N HIS A 105 -14.27 -5.73 -14.67
CA HIS A 105 -13.28 -6.27 -13.74
C HIS A 105 -12.33 -7.22 -14.47
N GLU A 106 -11.09 -7.25 -14.00
CA GLU A 106 -10.09 -8.14 -14.58
C GLU A 106 -10.23 -9.56 -14.04
N GLU A 107 -9.34 -10.45 -14.49
CA GLU A 107 -9.45 -11.84 -14.08
C GLU A 107 -9.17 -12.05 -12.60
N ASP A 108 -8.61 -11.05 -11.91
CA ASP A 108 -8.39 -11.10 -10.46
C ASP A 108 -9.61 -10.61 -9.66
N TYR A 109 -10.74 -10.34 -10.31
CA TYR A 109 -11.96 -9.90 -9.63
C TYR A 109 -11.85 -8.51 -9.00
N PHE A 110 -10.89 -7.70 -9.46
CA PHE A 110 -10.85 -6.27 -9.12
C PHE A 110 -11.23 -5.45 -10.34
N LEU A 111 -11.91 -4.34 -10.08
CA LEU A 111 -12.09 -3.26 -11.05
C LEU A 111 -10.98 -2.25 -10.86
N TYR A 112 -10.38 -1.79 -11.96
CA TYR A 112 -9.30 -0.82 -11.94
C TYR A 112 -9.77 0.49 -12.56
N VAL A 113 -9.69 1.58 -11.81
CA VAL A 113 -10.09 2.91 -12.23
C VAL A 113 -8.87 3.82 -12.13
N ALA A 114 -8.55 4.50 -13.22
CA ALA A 114 -7.48 5.49 -13.21
C ALA A 114 -8.07 6.89 -13.16
N TYR A 115 -7.30 7.86 -12.65
CA TYR A 115 -7.73 9.26 -12.58
CA TYR A 115 -7.77 9.23 -12.72
C TYR A 115 -6.65 10.16 -13.16
N SER A 116 -7.08 11.27 -13.79
CA SER A 116 -6.12 12.23 -14.34
C SER A 116 -6.75 13.62 -14.32
N ASP A 117 -5.90 14.64 -14.44
CA ASP A 117 -6.37 15.97 -14.75
C ASP A 117 -6.73 16.13 -16.21
N GLU A 118 -6.24 15.25 -17.07
CA GLU A 118 -6.50 15.31 -18.50
C GLU A 118 -7.67 14.41 -18.86
N SER A 119 -8.31 14.77 -19.98
CA SER A 119 -9.50 14.09 -20.48
C SER A 119 -9.19 12.85 -21.31
N VAL A 120 -7.91 12.56 -21.56
CA VAL A 120 -7.46 11.39 -22.30
C VAL A 120 -6.44 10.67 -21.43
N TYR A 121 -6.63 9.37 -21.23
CA TYR A 121 -5.77 8.62 -20.32
C TYR A 121 -4.32 8.68 -20.76
N GLY A 122 -3.43 9.02 -19.82
CA GLY A 122 -2.01 8.98 -20.09
C GLY A 122 -1.45 10.24 -20.70
N LYS A 123 -2.29 11.22 -21.03
CA LYS A 123 -1.79 12.52 -21.48
C LYS A 123 -1.46 13.41 -20.29
N MET B 7 5.75 -10.45 1.04
CA MET B 7 5.15 -10.10 2.33
CA MET B 7 5.18 -10.09 2.34
C MET B 7 4.25 -8.88 2.17
N LYS B 8 3.16 -8.85 2.94
CA LYS B 8 2.15 -7.81 2.80
C LYS B 8 2.50 -6.57 3.62
N PHE B 9 2.40 -5.40 2.99
CA PHE B 9 2.58 -4.13 3.67
C PHE B 9 1.48 -3.18 3.26
N GLN B 10 0.79 -2.59 4.23
CA GLN B 10 -0.22 -1.60 3.90
C GLN B 10 0.37 -0.39 3.20
N TYR B 11 1.63 -0.03 3.52
CA TYR B 11 2.26 1.08 2.81
C TYR B 11 2.30 0.79 1.32
N LYS B 12 2.59 -0.46 0.93
CA LYS B 12 2.63 -0.80 -0.49
C LYS B 12 1.22 -0.86 -1.08
N GLU B 13 0.24 -1.36 -0.33
N GLU B 13 0.25 -1.36 -0.33
CA GLU B 13 -1.12 -1.36 -0.87
CA GLU B 13 -1.13 -1.35 -0.82
C GLU B 13 -1.62 0.06 -1.13
C GLU B 13 -1.57 0.06 -1.13
N ASP B 14 -1.32 0.99 -0.20
CA ASP B 14 -1.89 2.32 -0.25
C ASP B 14 -1.26 3.22 -1.28
N HIS B 15 0.01 3.03 -1.59
CA HIS B 15 0.75 4.01 -2.36
C HIS B 15 1.41 3.32 -3.54
N PRO B 16 1.20 3.79 -4.76
CA PRO B 16 1.90 3.18 -5.89
C PRO B 16 3.40 3.39 -5.80
N PHE B 17 4.11 2.51 -6.52
CA PHE B 17 5.57 2.54 -6.57
C PHE B 17 6.12 3.95 -6.77
N GLU B 18 5.59 4.69 -7.74
CA GLU B 18 6.21 5.97 -8.04
C GLU B 18 6.13 6.93 -6.85
N TYR B 19 5.00 6.89 -6.12
CA TYR B 19 4.88 7.69 -4.90
C TYR B 19 5.90 7.24 -3.87
N ARG B 20 6.01 5.92 -3.65
CA ARG B 20 6.95 5.41 -2.67
C ARG B 20 8.36 5.81 -3.01
N LYS B 21 8.73 5.67 -4.28
CA LYS B 21 10.10 6.00 -4.67
C LYS B 21 10.42 7.47 -4.42
N LYS B 22 9.48 8.36 -4.73
CA LYS B 22 9.71 9.78 -4.47
C LYS B 22 9.89 10.04 -2.98
N GLU B 23 9.10 9.37 -2.14
CA GLU B 23 9.24 9.56 -0.70
C GLU B 23 10.57 9.02 -0.21
N GLY B 24 10.97 7.85 -0.71
CA GLY B 24 12.24 7.27 -0.32
C GLY B 24 13.43 8.12 -0.74
N GLU B 25 13.41 8.60 -1.99
CA GLU B 25 14.47 9.50 -2.46
C GLU B 25 14.55 10.74 -1.59
N LYS B 26 13.39 11.35 -1.32
CA LYS B 26 13.38 12.58 -0.55
C LYS B 26 13.97 12.37 0.83
N ILE B 27 13.58 11.28 1.49
CA ILE B 27 14.01 11.10 2.87
C ILE B 27 15.47 10.66 2.95
N ARG B 28 15.96 9.93 1.94
CA ARG B 28 17.38 9.57 1.93
C ARG B 28 18.27 10.81 1.77
N LYS B 29 17.80 11.81 1.04
CA LYS B 29 18.59 13.04 0.91
C LYS B 29 18.54 13.87 2.18
N LYS B 30 17.39 13.90 2.85
CA LYS B 30 17.24 14.75 4.02
C LYS B 30 17.96 14.18 5.24
N TYR B 31 17.97 12.85 5.38
CA TYR B 31 18.56 12.14 6.52
C TYR B 31 19.55 11.11 6.02
N PRO B 32 20.71 11.52 5.50
CA PRO B 32 21.60 10.55 4.85
C PRO B 32 22.24 9.54 5.79
N ASP B 33 22.23 9.79 7.09
CA ASP B 33 22.75 8.90 8.13
C ASP B 33 21.71 7.93 8.65
N ARG B 34 20.50 7.95 8.10
CA ARG B 34 19.43 7.05 8.51
C ARG B 34 18.90 6.33 7.29
N VAL B 35 18.24 5.21 7.55
CA VAL B 35 17.62 4.45 6.47
C VAL B 35 16.12 4.36 6.72
N PRO B 36 15.31 4.47 5.67
CA PRO B 36 13.84 4.37 5.82
C PRO B 36 13.40 2.91 5.81
N VAL B 37 12.57 2.56 6.81
CA VAL B 37 12.16 1.18 7.03
C VAL B 37 10.66 1.16 7.25
N ILE B 38 9.95 0.31 6.49
CA ILE B 38 8.55 0.03 6.74
C ILE B 38 8.50 -1.22 7.61
N VAL B 39 7.74 -1.16 8.70
CA VAL B 39 7.66 -2.28 9.65
C VAL B 39 6.20 -2.62 9.85
N GLU B 40 5.83 -3.90 9.62
CA GLU B 40 4.44 -4.34 9.77
CA GLU B 40 4.45 -4.34 9.76
C GLU B 40 4.41 -5.76 10.32
N LYS B 41 3.35 -6.04 11.08
CA LYS B 41 3.15 -7.37 11.61
C LYS B 41 2.83 -8.35 10.48
N ALA B 42 3.37 -9.56 10.56
CA ALA B 42 2.98 -10.62 9.65
C ALA B 42 1.51 -10.98 9.86
N PRO B 43 0.79 -11.33 8.80
CA PRO B 43 -0.68 -11.49 8.91
C PRO B 43 -1.19 -12.32 10.08
N LYS B 44 -0.68 -13.53 10.26
CA LYS B 44 -1.25 -14.42 11.27
C LYS B 44 -0.60 -14.28 12.64
N ALA B 45 0.31 -13.32 12.79
CA ALA B 45 1.12 -13.27 14.00
C ALA B 45 0.29 -12.87 15.22
N ARG B 46 0.59 -13.53 16.34
CA ARG B 46 -0.08 -13.27 17.61
C ARG B 46 0.81 -12.31 18.42
N VAL B 47 0.85 -11.07 17.94
CA VAL B 47 1.61 -9.99 18.55
C VAL B 47 0.87 -8.69 18.29
N PRO B 48 1.16 -7.62 19.03
CA PRO B 48 0.48 -6.34 18.78
C PRO B 48 0.84 -5.72 17.45
N ASP B 49 -0.08 -4.92 16.90
CA ASP B 49 0.25 -4.11 15.75
C ASP B 49 0.99 -2.86 16.20
N LEU B 50 1.71 -2.24 15.26
CA LEU B 50 2.25 -0.90 15.43
C LEU B 50 1.28 0.16 14.90
N ASP B 51 1.16 1.26 15.62
CA ASP B 51 0.36 2.38 15.10
C ASP B 51 1.13 3.17 14.04
N LYS B 52 2.44 3.16 14.08
CA LYS B 52 3.26 3.84 13.10
C LYS B 52 4.10 2.78 12.41
N ARG B 53 4.19 2.86 11.10
CA ARG B 53 4.85 1.82 10.34
C ARG B 53 6.02 2.32 9.52
N LYS B 54 6.29 3.63 9.50
CA LYS B 54 7.37 4.21 8.71
CA LYS B 54 7.37 4.19 8.71
C LYS B 54 8.42 4.79 9.65
N TYR B 55 9.63 4.23 9.60
CA TYR B 55 10.69 4.55 10.54
C TYR B 55 11.94 5.04 9.82
N LEU B 56 12.74 5.84 10.55
CA LEU B 56 14.05 6.27 10.09
C LEU B 56 15.07 5.84 11.13
N VAL B 57 15.92 4.91 10.77
CA VAL B 57 16.78 4.21 11.72
C VAL B 57 18.22 4.59 11.42
N PRO B 58 19.07 4.87 12.41
CA PRO B 58 20.46 5.21 12.10
C PRO B 58 21.15 4.06 11.37
N SER B 59 21.97 4.40 10.39
CA SER B 59 22.62 3.37 9.59
CA SER B 59 22.61 3.36 9.59
C SER B 59 23.60 2.54 10.41
N ASP B 60 24.14 3.13 11.47
CA ASP B 60 25.15 2.47 12.29
CA ASP B 60 25.16 2.48 12.30
C ASP B 60 24.55 1.56 13.35
N LEU B 61 23.24 1.59 13.57
CA LEU B 61 22.62 0.67 14.52
C LEU B 61 22.71 -0.73 13.96
N THR B 62 22.93 -1.72 14.82
CA THR B 62 22.85 -3.09 14.31
C THR B 62 21.41 -3.54 14.17
N VAL B 63 21.24 -4.60 13.38
CA VAL B 63 19.93 -5.22 13.25
C VAL B 63 19.41 -5.62 14.64
N GLY B 64 20.29 -6.20 15.47
CA GLY B 64 19.85 -6.58 16.82
C GLY B 64 19.36 -5.40 17.64
N GLN B 65 20.03 -4.25 17.51
CA GLN B 65 19.56 -3.07 18.24
C GLN B 65 18.22 -2.60 17.71
N PHE B 66 18.03 -2.65 16.38
CA PHE B 66 16.75 -2.30 15.79
C PHE B 66 15.63 -3.21 16.29
N TYR B 67 15.90 -4.51 16.40
CA TYR B 67 14.89 -5.40 16.94
C TYR B 67 14.39 -4.91 18.29
N PHE B 68 15.31 -4.51 19.16
CA PHE B 68 14.92 -4.07 20.50
C PHE B 68 14.07 -2.82 20.44
N LEU B 69 14.39 -1.89 19.53
CA LEU B 69 13.58 -0.68 19.41
C LEU B 69 12.14 -1.03 19.08
N ILE B 70 11.93 -1.95 18.12
CA ILE B 70 10.58 -2.32 17.74
C ILE B 70 9.93 -3.12 18.86
N ARG B 71 10.67 -4.04 19.47
CA ARG B 71 10.13 -4.82 20.57
C ARG B 71 9.53 -3.92 21.66
N LYS B 72 10.24 -2.86 22.03
CA LYS B 72 9.73 -1.94 23.05
C LYS B 72 8.47 -1.20 22.58
N ARG B 73 8.37 -0.88 21.29
CA ARG B 73 7.20 -0.18 20.77
C ARG B 73 5.96 -1.06 20.78
N ILE B 74 6.13 -2.38 20.66
CA ILE B 74 5.00 -3.30 20.79
C ILE B 74 4.86 -3.85 22.21
N HIS B 75 5.64 -3.32 23.16
CA HIS B 75 5.50 -3.64 24.57
C HIS B 75 5.72 -5.12 24.87
N LEU B 76 6.63 -5.75 24.14
CA LEU B 76 7.05 -7.12 24.44
C LEU B 76 8.31 -7.13 25.33
N ARG B 77 8.43 -8.18 26.11
CA ARG B 77 9.60 -8.40 26.94
C ARG B 77 10.69 -9.06 26.11
N PRO B 78 11.95 -8.97 26.55
CA PRO B 78 13.02 -9.72 25.85
C PRO B 78 12.73 -11.21 25.78
N GLU B 79 12.04 -11.73 26.79
CA GLU B 79 11.74 -13.16 26.88
C GLU B 79 10.61 -13.60 25.98
N ASP B 80 9.87 -12.66 25.39
CA ASP B 80 8.81 -13.03 24.44
C ASP B 80 9.40 -13.39 23.09
N ALA B 81 8.82 -14.40 22.46
CA ALA B 81 9.24 -14.80 21.12
C ALA B 81 8.90 -13.70 20.12
N LEU B 82 9.87 -13.34 19.31
CA LEU B 82 9.68 -12.26 18.34
C LEU B 82 10.74 -12.43 17.27
N PHE B 83 10.31 -12.52 16.02
CA PHE B 83 11.16 -12.76 14.85
C PHE B 83 10.86 -11.69 13.82
N PHE B 84 11.89 -11.31 13.09
CA PHE B 84 11.80 -10.30 12.04
C PHE B 84 12.25 -10.88 10.70
N PHE B 85 11.63 -10.40 9.62
CA PHE B 85 11.84 -10.91 8.28
C PHE B 85 12.09 -9.81 7.28
N VAL B 86 13.06 -10.05 6.39
CA VAL B 86 13.27 -9.22 5.21
C VAL B 86 13.31 -10.22 4.07
N ASN B 87 12.46 -10.01 3.07
CA ASN B 87 12.41 -10.96 1.95
C ASN B 87 12.21 -12.40 2.46
N ASN B 88 11.32 -12.56 3.43
CA ASN B 88 10.90 -13.83 4.01
CA ASN B 88 10.91 -13.85 3.98
C ASN B 88 11.97 -14.53 4.84
N THR B 89 13.08 -13.86 5.12
CA THR B 89 14.22 -14.49 5.78
C THR B 89 14.63 -13.67 6.99
N ILE B 90 15.00 -14.32 8.08
CA ILE B 90 15.46 -13.56 9.25
C ILE B 90 16.84 -13.01 8.95
N PRO B 91 17.07 -11.70 9.09
CA PRO B 91 18.38 -11.13 8.71
C PRO B 91 19.46 -11.45 9.73
N PRO B 92 20.72 -11.07 9.44
CA PRO B 92 21.81 -11.28 10.41
C PRO B 92 21.76 -10.26 11.53
N THR B 93 21.88 -10.73 12.77
CA THR B 93 21.78 -9.85 13.93
C THR B 93 22.89 -8.81 13.93
N SER B 94 24.07 -9.20 13.49
CA SER B 94 25.26 -8.37 13.64
C SER B 94 25.46 -7.41 12.48
N ALA B 95 24.65 -7.48 11.42
CA ALA B 95 24.75 -6.52 10.33
C ALA B 95 24.34 -5.16 10.87
N THR B 96 24.91 -4.10 10.29
CA THR B 96 24.33 -2.79 10.55
C THR B 96 23.07 -2.62 9.71
N MET B 97 22.21 -1.72 10.17
CA MET B 97 21.03 -1.38 9.39
C MET B 97 21.42 -0.78 8.04
N GLY B 98 22.52 -0.01 7.99
CA GLY B 98 22.99 0.47 6.71
C GLY B 98 23.32 -0.66 5.74
N GLN B 99 24.00 -1.69 6.24
CA GLN B 99 24.34 -2.84 5.39
C GLN B 99 23.08 -3.59 4.98
N LEU B 100 22.19 -3.85 5.93
CA LEU B 100 20.95 -4.54 5.60
C LEU B 100 20.18 -3.76 4.53
N TYR B 101 20.11 -2.44 4.69
CA TYR B 101 19.45 -1.58 3.72
C TYR B 101 20.12 -1.65 2.36
N GLU B 102 21.44 -1.54 2.32
CA GLU B 102 22.11 -1.57 1.02
C GLU B 102 21.84 -2.88 0.30
N ASP B 103 21.81 -3.98 1.05
CA ASP B 103 21.62 -5.28 0.40
C ASP B 103 20.17 -5.58 0.05
N ASN B 104 19.20 -4.94 0.71
CA ASN B 104 17.84 -5.41 0.60
C ASN B 104 16.81 -4.34 0.30
N HIS B 105 17.17 -3.07 0.21
CA HIS B 105 16.15 -2.06 -0.08
C HIS B 105 15.54 -2.39 -1.44
N GLU B 106 14.24 -2.08 -1.56
CA GLU B 106 13.55 -2.24 -2.83
C GLU B 106 13.84 -1.04 -3.73
N GLU B 107 13.31 -1.07 -4.96
CA GLU B 107 13.61 0.00 -5.92
C GLU B 107 12.95 1.32 -5.57
N ASP B 108 12.08 1.35 -4.56
CA ASP B 108 11.52 2.58 -4.03
C ASP B 108 12.36 3.16 -2.90
N TYR B 109 13.53 2.57 -2.63
CA TYR B 109 14.44 3.04 -1.61
C TYR B 109 13.97 2.77 -0.19
N PHE B 110 12.96 1.92 -0.01
CA PHE B 110 12.59 1.48 1.34
C PHE B 110 13.09 0.08 1.64
N LEU B 111 13.41 -0.16 2.91
CA LEU B 111 13.60 -1.50 3.45
C LEU B 111 12.29 -1.94 4.10
N TYR B 112 11.86 -3.15 3.80
CA TYR B 112 10.58 -3.69 4.27
C TYR B 112 10.82 -4.82 5.27
N VAL B 113 10.32 -4.66 6.50
CA VAL B 113 10.53 -5.62 7.58
C VAL B 113 9.19 -6.05 8.15
N ALA B 114 8.97 -7.36 8.29
CA ALA B 114 7.79 -7.85 8.98
C ALA B 114 8.21 -8.49 10.31
N TYR B 115 7.27 -8.65 11.22
CA TYR B 115 7.58 -9.33 12.48
C TYR B 115 6.47 -10.30 12.87
N SER B 116 6.84 -11.32 13.66
CA SER B 116 5.92 -12.35 14.08
C SER B 116 6.39 -12.96 15.39
N ASP B 117 5.48 -13.69 16.04
CA ASP B 117 5.89 -14.56 17.15
C ASP B 117 6.44 -15.91 16.69
N GLU B 118 6.34 -16.23 15.40
CA GLU B 118 6.83 -17.48 14.83
C GLU B 118 8.02 -17.20 13.93
N SER B 119 8.89 -18.20 13.80
CA SER B 119 10.11 -18.10 13.02
C SER B 119 9.89 -18.24 11.53
N VAL B 120 8.66 -18.53 11.09
CA VAL B 120 8.29 -18.63 9.69
C VAL B 120 7.20 -17.61 9.43
N TYR B 121 7.44 -16.72 8.46
CA TYR B 121 6.48 -15.67 8.14
C TYR B 121 5.14 -16.27 7.77
N GLY B 122 4.08 -15.80 8.41
CA GLY B 122 2.78 -16.30 8.02
C GLY B 122 2.36 -17.62 8.65
N LYS B 123 3.19 -18.24 9.48
CA LYS B 123 2.70 -19.26 10.41
C LYS B 123 2.01 -18.58 11.61
N SER C 4 6.25 12.37 8.58
CA SER C 4 5.50 11.15 8.33
C SER C 4 6.34 9.96 8.77
N PHE C 5 7.63 10.20 8.95
CA PHE C 5 8.53 9.18 9.43
C PHE C 5 8.73 9.33 10.93
N THR C 6 8.99 8.22 11.60
CA THR C 6 9.27 8.20 13.03
C THR C 6 10.75 7.91 13.19
N LEU C 7 11.49 8.83 13.79
CA LEU C 7 12.89 8.60 14.06
C LEU C 7 13.00 7.68 15.27
N ILE C 8 13.76 6.59 15.14
CA ILE C 8 14.01 5.70 16.26
C ILE C 8 15.49 5.39 16.32
N GLY C 9 16.01 5.26 17.54
CA GLY C 9 17.43 5.04 17.74
C GLY C 9 18.25 6.32 17.67
N GLU C 10 19.33 6.36 18.43
CA GLU C 10 20.20 7.51 18.41
C GLU C 10 21.35 7.26 17.43
N ALA D 2 -11.53 -7.51 4.93
CA ALA D 2 -11.79 -6.12 4.62
C ALA D 2 -10.79 -5.19 5.28
N ASN D 3 -9.94 -5.74 6.15
CA ASN D 3 -9.06 -4.91 6.96
C ASN D 3 -8.17 -4.01 6.11
N SER D 4 -7.75 -4.46 4.94
CA SER D 4 -6.88 -3.66 4.11
C SER D 4 -7.65 -2.81 3.11
N PHE D 5 -8.98 -2.96 3.04
CA PHE D 5 -9.80 -2.16 2.13
C PHE D 5 -10.29 -0.90 2.81
N THR D 6 -10.56 0.13 2.02
CA THR D 6 -11.16 1.37 2.50
C THR D 6 -12.60 1.43 1.99
N LEU D 7 -13.57 1.43 2.90
CA LEU D 7 -14.95 1.57 2.51
C LEU D 7 -15.20 3.01 2.06
N ILE D 8 -15.93 3.16 0.97
CA ILE D 8 -16.30 4.49 0.48
C ILE D 8 -17.68 4.39 -0.14
N GLY D 9 -18.50 5.41 0.09
CA GLY D 9 -19.79 5.47 -0.58
C GLY D 9 -20.98 4.94 0.19
N GLU D 10 -20.80 4.39 1.38
CA GLU D 10 -21.94 3.87 2.13
C GLU D 10 -22.87 5.00 2.51
C1 EDO E . -13.38 20.32 -3.30
O1 EDO E . -14.14 21.53 -3.36
C2 EDO E . -11.90 20.59 -3.21
O2 EDO E . -11.18 20.56 -4.44
C ACT F . -8.61 16.27 1.49
O ACT F . -7.85 16.56 0.54
OXT ACT F . -9.40 17.13 1.96
CH3 ACT F . -8.60 14.86 2.02
H1 ACT F . -9.33 14.29 1.50
H2 ACT F . -8.84 14.87 3.05
H3 ACT F . -7.64 14.43 1.88
C ACT G . 3.25 2.63 17.71
O ACT G . 4.36 2.84 17.17
OXT ACT G . 2.28 3.40 17.53
CH3 ACT G . 3.02 1.39 18.51
C ACT H . 14.02 6.09 20.23
O ACT H . 13.42 7.13 20.60
OXT ACT H . 13.38 5.16 19.71
CH3 ACT H . 15.45 5.91 20.62
#